data_5YT8
#
_entry.id   5YT8
#
_cell.length_a   111.170
_cell.length_b   111.170
_cell.length_c   313.782
_cell.angle_alpha   90.00
_cell.angle_beta   90.00
_cell.angle_gamma   120.00
#
_symmetry.space_group_name_H-M   'H 3 2'
#
loop_
_entity.id
_entity.type
_entity.pdbx_description
1 polymer Hemagglutinin
2 non-polymer 2-acetamido-2-deoxy-beta-D-glucopyranose
3 water water
#
_entity_poly.entity_id   1
_entity_poly.type   'polypeptide(L)'
_entity_poly.pdbx_seq_one_letter_code
;MLLVNQSHQGFNKEHTSKMVSAIVLYVLLAAAAHSAFASAGDRICIGYHANNSTTQVDTIMEKNVTVTHAQDILEKEHNG
RLCSLKGVKPLILKNCSVAGWLLGNPMCDEFLNAPEWSYIVEKDRPSNGLCYPGTFNYYEELKHLMSSTNQFEKIQIFPR
SSWSNHDASSGVSSACPYNGRSSFFRNVVWLIKKNNVYRTITRTYNNTNIEDLLIIWGIHHPNNAAEQIKLYQNPSTYVS
VGTSTLNQRSIPEIATRPKVNGLSSRMEFFWTILRPNDSITFESTGNFIAPEYAYKIVKKGDSAIMKSELSYSNCDTKCQ
TPVGAINSSMPFHNVHPFAIGECPKYVKLKKLVLATGLRNIPQRETRGLFGAIAGFIEGGWQGMVDGWYGYHHSNEQGSG
YAADKESTQKAVDGITNKVNSIISKMNSQFEAVGKEFNNLERRIENLNKKMEDGFIDVWTYNAELLVLMENERTLDLHDS
NVKNLYDKVRRQLRDNAKELGNGCFEFYHRCDNKCMESVRNGTYDYPQYSEESRLKREEIDSGLVPRGSPGSGYIPEAPR
DGQAYVRKDGEWVLLSTFLGHHHHHH
;
_entity_poly.pdbx_strand_id   A
#
loop_
_chem_comp.id
_chem_comp.type
_chem_comp.name
_chem_comp.formula
NAG D-saccharide, beta linking 2-acetamido-2-deoxy-beta-D-glucopyranose 'C8 H15 N O6'
#
# COMPACT_ATOMS: atom_id res chain seq x y z
N GLY A 41 19.72 31.91 -50.41
CA GLY A 41 20.19 30.86 -49.52
C GLY A 41 21.16 31.38 -48.48
N ASP A 42 21.89 30.45 -47.85
CA ASP A 42 22.97 30.70 -46.88
C ASP A 42 22.43 30.82 -45.44
N ARG A 43 21.69 29.82 -44.96
CA ARG A 43 20.92 29.94 -43.72
C ARG A 43 21.35 28.91 -42.68
N ILE A 44 20.81 29.09 -41.47
CA ILE A 44 20.95 28.15 -40.35
C ILE A 44 19.82 28.44 -39.37
N CYS A 45 19.28 27.39 -38.74
CA CYS A 45 18.08 27.56 -37.91
C CYS A 45 18.17 26.78 -36.61
N ILE A 46 17.54 27.32 -35.57
CA ILE A 46 17.58 26.70 -34.25
C ILE A 46 16.19 26.13 -33.97
N GLY A 47 16.15 24.84 -33.61
CA GLY A 47 14.91 24.11 -33.60
C GLY A 47 14.93 22.98 -32.58
N TYR A 48 13.74 22.42 -32.38
CA TYR A 48 13.49 21.46 -31.31
C TYR A 48 12.71 20.28 -31.87
N HIS A 49 12.66 19.22 -31.05
CA HIS A 49 12.08 17.94 -31.39
C HIS A 49 10.57 18.02 -31.57
N ALA A 50 10.04 17.10 -32.38
CA ALA A 50 8.61 16.82 -32.49
C ALA A 50 8.47 15.44 -33.11
N ASN A 51 7.46 14.69 -32.67
CA ASN A 51 7.37 13.30 -33.13
C ASN A 51 5.97 12.73 -32.87
N ASN A 52 5.86 11.38 -32.96
CA ASN A 52 4.59 10.66 -33.06
C ASN A 52 3.64 10.97 -31.91
N SER A 53 4.16 11.46 -30.78
CA SER A 53 3.45 11.36 -29.51
C SER A 53 2.12 12.10 -29.51
N THR A 54 1.20 11.54 -28.76
CA THR A 54 -0.08 12.16 -28.49
C THR A 54 -0.45 12.06 -27.02
N THR A 55 0.42 11.49 -26.19
CA THR A 55 0.25 11.53 -24.75
C THR A 55 0.13 12.98 -24.25
N GLN A 56 -0.76 13.20 -23.28
CA GLN A 56 -1.08 14.55 -22.81
C GLN A 56 -0.79 14.72 -21.32
N VAL A 57 -0.36 15.93 -20.95
CA VAL A 57 -0.10 16.28 -19.56
C VAL A 57 -0.91 17.52 -19.20
N ASP A 58 -0.91 17.82 -17.90
CA ASP A 58 -1.56 18.98 -17.31
C ASP A 58 -0.56 19.81 -16.51
N THR A 59 -0.85 21.11 -16.39
CA THR A 59 -0.09 22.01 -15.52
C THR A 59 -1.05 22.72 -14.58
N ILE A 60 -0.57 23.74 -13.86
CA ILE A 60 -1.50 24.59 -13.11
C ILE A 60 -2.38 25.39 -14.06
N MET A 61 -1.82 25.81 -15.20
CA MET A 61 -2.45 26.80 -16.07
C MET A 61 -3.19 26.21 -17.26
N GLU A 62 -2.78 25.05 -17.77
CA GLU A 62 -3.46 24.47 -18.93
C GLU A 62 -3.70 23.00 -18.70
N LYS A 63 -4.76 22.47 -19.31
CA LYS A 63 -5.01 21.03 -19.36
C LYS A 63 -4.75 20.50 -20.76
N ASN A 64 -4.60 19.19 -20.86
CA ASN A 64 -4.51 18.46 -22.13
C ASN A 64 -3.43 19.05 -23.04
N VAL A 65 -2.22 19.20 -22.49
CA VAL A 65 -1.07 19.70 -23.22
C VAL A 65 -0.32 18.51 -23.81
N THR A 66 -0.40 18.32 -25.13
CA THR A 66 0.28 17.17 -25.72
C THR A 66 1.78 17.42 -25.72
N VAL A 67 2.55 16.35 -25.52
CA VAL A 67 3.99 16.45 -25.31
C VAL A 67 4.68 15.30 -26.05
N THR A 68 5.99 15.47 -26.25
CA THR A 68 6.77 14.48 -27.00
C THR A 68 7.07 13.25 -26.15
N HIS A 69 7.39 13.46 -24.88
CA HIS A 69 7.80 12.42 -23.96
C HIS A 69 7.07 12.66 -22.65
N ALA A 70 6.67 11.58 -21.98
CA ALA A 70 5.86 11.69 -20.77
C ALA A 70 5.81 10.34 -20.09
N GLN A 71 5.75 10.36 -18.77
CA GLN A 71 5.91 9.18 -17.92
C GLN A 71 4.68 9.04 -17.03
N ASP A 72 3.85 8.03 -17.30
CA ASP A 72 2.74 7.71 -16.41
C ASP A 72 3.29 7.19 -15.09
N ILE A 73 2.71 7.66 -13.97
CA ILE A 73 3.21 7.18 -12.68
C ILE A 73 2.09 6.64 -11.81
N LEU A 74 0.88 6.55 -12.36
CA LEU A 74 -0.30 6.10 -11.60
C LEU A 74 -0.71 4.71 -12.07
N GLU A 75 -0.56 3.72 -11.19
CA GLU A 75 -1.01 2.36 -11.49
C GLU A 75 -2.48 2.23 -11.14
N LYS A 76 -3.32 1.80 -12.10
CA LYS A 76 -4.76 1.76 -11.87
C LYS A 76 -5.39 0.39 -12.09
N GLU A 77 -4.59 -0.64 -12.41
CA GLU A 77 -5.11 -1.98 -12.71
C GLU A 77 -4.81 -2.91 -11.54
N HIS A 78 -5.62 -3.97 -11.42
CA HIS A 78 -5.32 -5.05 -10.46
C HIS A 78 -5.84 -6.38 -10.98
N ASN A 79 -5.36 -7.47 -10.39
CA ASN A 79 -5.57 -8.81 -10.96
C ASN A 79 -6.72 -9.57 -10.31
N GLY A 80 -7.43 -8.97 -9.36
CA GLY A 80 -8.60 -9.59 -8.79
C GLY A 80 -8.37 -10.88 -8.03
N ARG A 81 -7.11 -11.27 -7.79
CA ARG A 81 -6.88 -12.47 -7.02
C ARG A 81 -6.23 -12.15 -5.66
N LEU A 82 -6.25 -13.14 -4.78
CA LEU A 82 -5.59 -13.10 -3.48
C LEU A 82 -4.32 -13.94 -3.57
N CYS A 83 -3.16 -13.31 -3.35
CA CYS A 83 -1.89 -13.96 -3.67
C CYS A 83 -0.97 -14.04 -2.45
N SER A 84 0.02 -14.92 -2.55
CA SER A 84 1.07 -14.94 -1.55
C SER A 84 1.87 -13.64 -1.65
N LEU A 85 2.42 -13.22 -0.52
CA LEU A 85 3.25 -12.03 -0.45
C LEU A 85 4.73 -12.43 -0.50
N LYS A 86 5.38 -12.20 -1.64
CA LYS A 86 6.79 -12.52 -1.82
C LYS A 86 7.08 -13.96 -1.38
N GLY A 87 6.15 -14.87 -1.68
CA GLY A 87 6.37 -16.28 -1.47
C GLY A 87 5.80 -16.82 -0.19
N VAL A 88 5.25 -15.96 0.67
CA VAL A 88 4.67 -16.38 1.95
C VAL A 88 3.15 -16.25 1.87
N LYS A 89 2.44 -17.38 2.13
CA LYS A 89 0.99 -17.43 1.89
C LYS A 89 0.20 -16.71 2.98
N PRO A 90 -0.95 -16.15 2.62
CA PRO A 90 -1.88 -15.64 3.64
C PRO A 90 -2.55 -16.78 4.39
N LEU A 91 -3.00 -16.47 5.59
CA LEU A 91 -3.90 -17.34 6.33
C LEU A 91 -5.34 -17.05 5.88
N ILE A 92 -5.93 -17.95 5.10
CA ILE A 92 -7.31 -17.75 4.67
C ILE A 92 -8.25 -18.40 5.68
N LEU A 93 -9.02 -17.56 6.40
CA LEU A 93 -9.96 -18.06 7.40
C LEU A 93 -11.27 -18.58 6.80
N LYS A 94 -11.45 -18.51 5.48
CA LYS A 94 -12.66 -19.03 4.83
C LYS A 94 -13.88 -18.36 5.46
N ASN A 95 -14.84 -19.11 5.98
CA ASN A 95 -16.02 -18.51 6.58
C ASN A 95 -15.90 -18.33 8.08
N CYS A 96 -14.69 -18.41 8.62
CA CYS A 96 -14.49 -18.29 10.06
C CYS A 96 -13.97 -16.92 10.45
N SER A 97 -14.44 -16.42 11.58
CA SER A 97 -13.92 -15.22 12.19
C SER A 97 -12.69 -15.55 13.04
N VAL A 98 -11.91 -14.52 13.36
CA VAL A 98 -10.73 -14.76 14.19
C VAL A 98 -11.13 -15.50 15.46
N ALA A 99 -12.24 -15.08 16.09
CA ALA A 99 -12.67 -15.72 17.33
C ALA A 99 -12.91 -17.21 17.10
N GLY A 100 -13.69 -17.55 16.07
CA GLY A 100 -13.92 -18.95 15.73
C GLY A 100 -12.64 -19.74 15.54
N TRP A 101 -11.68 -19.18 14.81
CA TRP A 101 -10.44 -19.92 14.59
C TRP A 101 -9.69 -20.15 15.92
N LEU A 102 -9.51 -19.11 16.73
CA LEU A 102 -8.71 -19.27 17.94
C LEU A 102 -9.36 -20.24 18.90
N LEU A 103 -10.65 -20.03 19.18
CA LEU A 103 -11.34 -20.93 20.10
C LEU A 103 -11.50 -22.32 19.51
N GLY A 104 -11.44 -22.43 18.18
CA GLY A 104 -11.62 -23.72 17.55
C GLY A 104 -13.07 -24.15 17.44
N ASN A 105 -13.92 -23.29 16.88
CA ASN A 105 -15.29 -23.67 16.56
C ASN A 105 -15.25 -24.93 15.70
N PRO A 106 -16.09 -25.95 15.99
CA PRO A 106 -16.01 -27.21 15.23
C PRO A 106 -16.01 -27.03 13.71
N MET A 107 -16.64 -25.99 13.17
CA MET A 107 -16.65 -25.79 11.73
C MET A 107 -15.34 -25.22 11.16
N CYS A 108 -14.44 -24.69 11.99
CA CYS A 108 -13.25 -24.04 11.50
C CYS A 108 -12.08 -25.01 11.38
N ASP A 109 -11.23 -24.76 10.38
CA ASP A 109 -10.01 -25.56 10.22
C ASP A 109 -9.00 -25.14 11.28
N GLU A 110 -8.40 -26.14 11.93
CA GLU A 110 -7.22 -25.83 12.73
C GLU A 110 -6.00 -25.79 11.81
N PHE A 111 -4.93 -25.17 12.30
CA PHE A 111 -3.72 -25.09 11.49
C PHE A 111 -2.66 -25.87 12.24
N LEU A 112 -2.77 -27.20 12.15
CA LEU A 112 -1.88 -28.08 12.90
C LEU A 112 -0.43 -27.89 12.50
N ASN A 113 -0.17 -27.49 11.25
CA ASN A 113 1.21 -27.33 10.82
C ASN A 113 1.90 -26.14 11.48
N ALA A 114 1.14 -25.23 12.10
CA ALA A 114 1.70 -24.02 12.68
C ALA A 114 2.43 -23.21 11.61
N PRO A 115 1.75 -22.87 10.51
CA PRO A 115 2.44 -22.14 9.44
C PRO A 115 2.64 -20.70 9.84
N GLU A 116 3.68 -20.08 9.27
CA GLU A 116 3.74 -18.62 9.32
C GLU A 116 2.89 -18.05 8.19
N TRP A 117 2.51 -16.78 8.34
CA TRP A 117 1.70 -16.13 7.31
C TRP A 117 2.19 -14.72 7.04
N SER A 118 1.84 -14.24 5.84
CA SER A 118 2.11 -12.87 5.41
C SER A 118 0.99 -11.91 5.77
N TYR A 119 -0.26 -12.37 5.75
CA TYR A 119 -1.38 -11.61 6.31
C TYR A 119 -2.51 -12.60 6.56
N ILE A 120 -3.61 -12.11 7.12
CA ILE A 120 -4.76 -12.94 7.45
C ILE A 120 -5.97 -12.41 6.67
N VAL A 121 -6.75 -13.31 6.08
CA VAL A 121 -7.93 -12.93 5.31
C VAL A 121 -9.17 -13.38 6.05
N GLU A 122 -10.11 -12.46 6.23
CA GLU A 122 -11.34 -12.74 6.97
C GLU A 122 -12.47 -12.14 6.16
N LYS A 123 -13.54 -12.89 5.94
CA LYS A 123 -14.63 -12.33 5.17
C LYS A 123 -15.29 -11.18 5.93
N ASP A 124 -16.20 -10.48 5.25
CA ASP A 124 -16.80 -9.29 5.85
C ASP A 124 -17.73 -9.64 7.01
N ARG A 125 -18.61 -10.63 6.81
CA ARG A 125 -19.49 -11.12 7.87
C ARG A 125 -19.32 -12.63 7.94
N PRO A 126 -18.27 -13.11 8.62
CA PRO A 126 -18.01 -14.55 8.62
C PRO A 126 -19.16 -15.26 9.31
N SER A 127 -19.47 -16.47 8.82
CA SER A 127 -20.59 -17.25 9.30
C SER A 127 -20.26 -18.10 10.52
N ASN A 128 -18.98 -18.36 10.78
CA ASN A 128 -18.55 -19.30 11.81
C ASN A 128 -17.76 -18.54 12.87
N GLY A 129 -18.45 -18.13 13.93
CA GLY A 129 -17.76 -17.41 14.99
C GLY A 129 -18.06 -18.07 16.30
N LEU A 130 -18.66 -17.32 17.22
CA LEU A 130 -19.09 -17.91 18.49
C LEU A 130 -20.34 -18.73 18.22
N CYS A 131 -20.15 -19.97 17.75
CA CYS A 131 -21.30 -20.87 17.55
C CYS A 131 -22.12 -21.00 18.82
N TYR A 132 -21.47 -21.17 19.97
CA TYR A 132 -22.15 -20.91 21.23
C TYR A 132 -22.14 -19.41 21.47
N PRO A 133 -23.31 -18.78 21.52
CA PRO A 133 -23.35 -17.33 21.53
C PRO A 133 -22.80 -16.75 22.82
N GLY A 134 -22.24 -15.56 22.71
CA GLY A 134 -21.78 -14.83 23.87
C GLY A 134 -21.00 -13.62 23.44
N THR A 135 -19.99 -13.29 24.22
CA THR A 135 -19.11 -12.19 23.88
C THR A 135 -17.67 -12.66 24.06
N PHE A 136 -16.75 -11.84 23.56
CA PHE A 136 -15.31 -12.13 23.56
C PHE A 136 -14.68 -10.79 23.88
N ASN A 137 -14.40 -10.56 25.16
CA ASN A 137 -13.91 -9.25 25.60
C ASN A 137 -12.60 -8.84 24.90
N TYR A 138 -12.51 -7.54 24.60
CA TYR A 138 -11.32 -6.96 24.00
C TYR A 138 -10.96 -7.71 22.74
N TYR A 139 -12.00 -8.20 22.06
CA TYR A 139 -11.83 -8.84 20.76
C TYR A 139 -11.02 -7.96 19.81
N GLU A 140 -11.44 -6.70 19.67
CA GLU A 140 -10.79 -5.82 18.71
C GLU A 140 -9.33 -5.59 19.06
N GLU A 141 -9.01 -5.48 20.36
CA GLU A 141 -7.61 -5.36 20.75
C GLU A 141 -6.84 -6.61 20.31
N LEU A 142 -7.46 -7.78 20.49
CA LEU A 142 -6.79 -9.02 20.10
C LEU A 142 -6.55 -9.06 18.59
N LYS A 143 -7.57 -8.73 17.79
CA LYS A 143 -7.31 -8.62 16.36
C LYS A 143 -6.21 -7.62 16.06
N HIS A 144 -6.08 -6.58 16.87
CA HIS A 144 -4.99 -5.66 16.58
C HIS A 144 -3.64 -6.30 16.87
N LEU A 145 -3.56 -7.16 17.90
CA LEU A 145 -2.34 -7.92 18.15
C LEU A 145 -2.05 -8.90 17.02
N MET A 146 -3.09 -9.47 16.42
CA MET A 146 -2.86 -10.36 15.29
C MET A 146 -2.15 -9.65 14.14
N SER A 147 -2.31 -8.33 14.02
CA SER A 147 -1.69 -7.61 12.91
C SER A 147 -0.17 -7.54 13.02
N SER A 148 0.40 -7.73 14.22
CA SER A 148 1.84 -7.73 14.38
C SER A 148 2.37 -9.13 14.53
N THR A 149 1.52 -10.14 14.31
CA THR A 149 1.86 -11.54 14.51
C THR A 149 1.87 -12.27 13.18
N ASN A 150 2.92 -13.06 12.95
CA ASN A 150 3.01 -13.88 11.76
C ASN A 150 3.00 -15.38 11.99
N GLN A 151 3.12 -15.88 13.23
CA GLN A 151 3.11 -17.34 13.40
C GLN A 151 2.78 -17.76 14.82
N PHE A 152 1.78 -18.62 14.94
CA PHE A 152 1.40 -19.28 16.17
C PHE A 152 1.92 -20.72 16.18
N GLU A 153 2.30 -21.20 17.36
CA GLU A 153 2.46 -22.62 17.59
C GLU A 153 1.55 -23.01 18.75
N LYS A 154 0.56 -23.85 18.46
CA LYS A 154 -0.42 -24.25 19.44
C LYS A 154 0.21 -25.24 20.43
N ILE A 155 0.02 -25.02 21.73
CA ILE A 155 0.50 -26.00 22.70
C ILE A 155 -0.52 -26.24 23.80
N GLN A 156 -0.46 -27.44 24.35
CA GLN A 156 -1.43 -27.91 25.32
C GLN A 156 -0.90 -27.59 26.71
N ILE A 157 -1.65 -26.80 27.48
CA ILE A 157 -1.25 -26.51 28.84
C ILE A 157 -2.01 -27.36 29.85
N PHE A 158 -3.32 -27.55 29.64
CA PHE A 158 -4.16 -28.35 30.53
C PHE A 158 -4.86 -29.38 29.67
N PRO A 159 -4.38 -30.63 29.67
CA PRO A 159 -4.94 -31.64 28.75
C PRO A 159 -6.34 -32.04 29.18
N ARG A 160 -7.23 -32.14 28.19
CA ARG A 160 -8.64 -32.51 28.36
C ARG A 160 -8.85 -33.66 29.35
N SER A 161 -7.94 -34.64 29.37
CA SER A 161 -8.07 -35.85 30.16
C SER A 161 -7.57 -35.70 31.60
N SER A 162 -7.22 -34.48 32.02
CA SER A 162 -6.56 -34.29 33.30
C SER A 162 -7.48 -33.68 34.35
N TRP A 163 -8.75 -33.45 34.00
CA TRP A 163 -9.74 -32.98 34.96
C TRP A 163 -10.43 -34.20 35.57
N SER A 164 -9.83 -34.75 36.62
CA SER A 164 -10.30 -36.01 37.18
C SER A 164 -11.56 -35.82 38.00
N ASN A 165 -11.71 -34.65 38.62
CA ASN A 165 -12.81 -34.37 39.53
C ASN A 165 -14.05 -33.81 38.84
N HIS A 166 -14.05 -33.72 37.50
CA HIS A 166 -15.17 -33.11 36.80
C HIS A 166 -15.46 -33.82 35.48
N ASP A 167 -16.71 -33.64 35.02
CA ASP A 167 -17.18 -34.15 33.75
C ASP A 167 -16.58 -33.32 32.62
N ALA A 168 -15.78 -33.95 31.76
CA ALA A 168 -15.10 -33.24 30.69
C ALA A 168 -15.58 -33.69 29.31
N SER A 169 -16.63 -34.50 29.24
CA SER A 169 -17.16 -34.95 27.97
C SER A 169 -18.59 -34.51 27.69
N SER A 170 -19.36 -34.16 28.73
CA SER A 170 -20.76 -33.78 28.51
C SER A 170 -20.90 -32.36 27.96
N GLY A 171 -19.93 -31.50 28.20
CA GLY A 171 -20.04 -30.12 27.76
C GLY A 171 -19.99 -29.92 26.25
N VAL A 172 -21.12 -30.13 25.58
CA VAL A 172 -21.28 -29.94 24.14
C VAL A 172 -22.72 -29.51 23.90
N SER A 173 -23.03 -29.07 22.69
CA SER A 173 -24.39 -28.58 22.51
C SER A 173 -24.79 -28.61 21.04
N SER A 174 -26.11 -28.59 20.82
CA SER A 174 -26.68 -28.50 19.49
C SER A 174 -26.24 -27.25 18.75
N ALA A 175 -25.68 -26.27 19.45
CA ALA A 175 -25.29 -25.02 18.82
C ALA A 175 -23.89 -25.06 18.21
N CYS A 176 -23.10 -26.09 18.49
CA CYS A 176 -21.74 -26.23 17.94
C CYS A 176 -21.60 -27.59 17.28
N PRO A 177 -22.27 -27.80 16.16
CA PRO A 177 -22.23 -29.12 15.54
C PRO A 177 -20.91 -29.37 14.82
N TYR A 178 -20.56 -30.65 14.75
CA TYR A 178 -19.43 -31.14 13.98
C TYR A 178 -19.95 -32.43 13.36
N ASN A 179 -20.18 -32.41 12.04
CA ASN A 179 -20.83 -33.48 11.28
C ASN A 179 -22.18 -33.91 11.87
N GLY A 180 -23.00 -32.93 12.27
CA GLY A 180 -24.37 -33.19 12.71
C GLY A 180 -24.49 -33.65 14.15
N ARG A 181 -23.34 -33.75 14.82
CA ARG A 181 -23.24 -34.08 16.23
C ARG A 181 -23.21 -32.82 17.07
N SER A 182 -23.75 -32.90 18.27
CA SER A 182 -23.47 -31.86 19.24
C SER A 182 -21.99 -31.88 19.60
N SER A 183 -21.39 -30.71 19.70
CA SER A 183 -19.94 -30.60 19.90
C SER A 183 -19.62 -29.24 20.55
N PHE A 184 -18.33 -28.91 20.62
CA PHE A 184 -17.88 -27.71 21.30
C PHE A 184 -16.56 -27.21 20.71
N PHE A 185 -16.24 -25.95 21.02
CA PHE A 185 -14.92 -25.39 20.78
C PHE A 185 -13.84 -26.41 21.11
N ARG A 186 -13.02 -26.72 20.12
CA ARG A 186 -11.97 -27.71 20.29
C ARG A 186 -10.88 -27.26 21.28
N ASN A 187 -10.72 -25.97 21.52
CA ASN A 187 -9.55 -25.45 22.24
C ASN A 187 -9.82 -25.09 23.69
N VAL A 188 -11.07 -25.09 24.12
CA VAL A 188 -11.42 -24.83 25.51
C VAL A 188 -12.35 -25.96 25.92
N VAL A 189 -12.38 -26.28 27.21
CA VAL A 189 -13.16 -27.41 27.70
C VAL A 189 -14.24 -26.92 28.67
N TRP A 190 -15.48 -27.25 28.36
CA TRP A 190 -16.64 -26.82 29.12
C TRP A 190 -16.84 -27.84 30.21
N LEU A 191 -16.23 -27.60 31.36
CA LEU A 191 -16.33 -28.53 32.47
C LEU A 191 -17.67 -28.44 33.19
N ILE A 192 -18.13 -29.62 33.61
CA ILE A 192 -19.48 -29.87 34.10
C ILE A 192 -19.36 -30.75 35.34
N LYS A 193 -20.29 -30.58 36.29
CA LYS A 193 -20.24 -31.32 37.55
C LYS A 193 -20.18 -32.84 37.33
N LYS A 194 -19.40 -33.52 38.18
CA LYS A 194 -19.30 -34.97 38.18
C LYS A 194 -19.96 -35.53 39.44
N ASN A 195 -20.90 -36.45 39.25
CA ASN A 195 -21.59 -37.14 40.35
C ASN A 195 -22.33 -36.16 41.25
N ASN A 196 -22.88 -35.10 40.66
CA ASN A 196 -23.59 -34.05 41.39
C ASN A 196 -22.67 -33.25 42.32
N VAL A 197 -21.34 -33.36 42.17
CA VAL A 197 -20.41 -32.50 42.90
C VAL A 197 -19.47 -31.81 41.93
N TYR A 198 -18.99 -30.63 42.32
CA TYR A 198 -18.07 -29.84 41.49
C TYR A 198 -17.05 -29.24 42.45
N ARG A 199 -15.94 -29.95 42.68
CA ARG A 199 -15.04 -29.49 43.71
C ARG A 199 -14.22 -28.32 43.18
N THR A 200 -14.23 -27.24 43.95
CA THR A 200 -13.46 -26.03 43.70
C THR A 200 -12.14 -26.34 43.01
N ILE A 201 -11.89 -25.70 41.87
CA ILE A 201 -10.70 -25.94 41.06
C ILE A 201 -9.67 -24.89 41.38
N THR A 202 -8.43 -25.31 41.63
CA THR A 202 -7.30 -24.41 41.54
C THR A 202 -6.26 -25.05 40.65
N ARG A 203 -5.78 -24.30 39.66
CA ARG A 203 -4.83 -24.90 38.74
C ARG A 203 -3.97 -23.82 38.08
N THR A 204 -2.71 -24.19 37.81
CA THR A 204 -1.69 -23.23 37.44
C THR A 204 -0.94 -23.73 36.20
N TYR A 205 -0.44 -22.78 35.41
CA TYR A 205 0.52 -23.10 34.36
C TYR A 205 1.68 -22.11 34.44
N ASN A 206 2.90 -22.63 34.65
CA ASN A 206 4.10 -21.80 34.60
C ASN A 206 4.57 -21.75 33.14
N ASN A 207 4.68 -20.55 32.57
CA ASN A 207 5.10 -20.47 31.18
C ASN A 207 6.63 -20.55 31.14
N THR A 208 7.14 -21.73 30.86
CA THR A 208 8.58 -21.99 30.80
C THR A 208 9.17 -21.72 29.42
N ASN A 209 8.40 -21.18 28.50
CA ASN A 209 8.87 -20.91 27.16
C ASN A 209 9.52 -19.53 27.08
N ILE A 210 10.26 -19.30 25.99
CA ILE A 210 10.85 -18.01 25.72
C ILE A 210 9.84 -17.08 25.05
N GLU A 211 8.72 -17.63 24.55
CA GLU A 211 7.75 -16.89 23.75
C GLU A 211 6.55 -16.45 24.58
N ASP A 212 5.95 -15.31 24.18
CA ASP A 212 4.67 -14.93 24.77
C ASP A 212 3.60 -15.98 24.43
N LEU A 213 2.75 -16.29 25.42
CA LEU A 213 1.61 -17.18 25.20
C LEU A 213 0.32 -16.41 25.21
N LEU A 214 -0.49 -16.66 24.17
CA LEU A 214 -1.89 -16.20 24.15
C LEU A 214 -2.74 -17.28 24.82
N ILE A 215 -3.43 -16.92 25.89
CA ILE A 215 -4.27 -17.86 26.63
C ILE A 215 -5.69 -17.34 26.68
N ILE A 216 -6.64 -18.21 26.36
CA ILE A 216 -8.05 -17.89 26.28
C ILE A 216 -8.83 -18.81 27.22
N TRP A 217 -9.65 -18.23 28.07
CA TRP A 217 -10.60 -19.01 28.85
C TRP A 217 -11.94 -18.31 28.78
N GLY A 218 -12.93 -18.85 29.49
CA GLY A 218 -14.24 -18.25 29.46
C GLY A 218 -15.06 -18.69 30.66
N ILE A 219 -16.30 -18.20 30.67
CA ILE A 219 -17.22 -18.50 31.75
C ILE A 219 -18.63 -18.54 31.16
N HIS A 220 -19.52 -19.29 31.82
CA HIS A 220 -20.83 -19.66 31.29
C HIS A 220 -21.92 -18.91 32.03
N HIS A 221 -22.85 -18.30 31.27
CA HIS A 221 -23.97 -17.59 31.87
C HIS A 221 -25.27 -18.33 31.56
N PRO A 222 -25.87 -19.02 32.53
CA PRO A 222 -27.06 -19.83 32.28
C PRO A 222 -28.32 -18.98 32.12
N ASN A 223 -29.44 -19.67 31.83
CA ASN A 223 -30.74 -19.04 31.65
C ASN A 223 -31.44 -18.69 32.95
N ASN A 224 -31.21 -19.48 34.00
CA ASN A 224 -32.00 -19.41 35.22
C ASN A 224 -31.31 -20.25 36.27
N ALA A 225 -31.87 -20.25 37.47
CA ALA A 225 -31.17 -20.86 38.59
C ALA A 225 -31.20 -22.38 38.52
N ALA A 226 -32.27 -22.97 38.00
CA ALA A 226 -32.29 -24.42 37.81
C ALA A 226 -31.11 -24.84 36.94
N GLU A 227 -30.90 -24.14 35.82
CA GLU A 227 -29.78 -24.46 34.94
C GLU A 227 -28.46 -24.45 35.70
N GLN A 228 -28.24 -23.41 36.53
CA GLN A 228 -27.00 -23.29 37.29
C GLN A 228 -26.77 -24.51 38.16
N ILE A 229 -27.79 -24.94 38.90
CA ILE A 229 -27.65 -26.14 39.72
C ILE A 229 -27.49 -27.37 38.84
N LYS A 230 -28.26 -27.45 37.76
CA LYS A 230 -28.21 -28.65 36.93
C LYS A 230 -26.80 -28.93 36.44
N LEU A 231 -26.06 -27.87 36.07
CA LEU A 231 -24.73 -28.09 35.49
C LEU A 231 -23.61 -28.08 36.53
N TYR A 232 -23.69 -27.21 37.54
CA TYR A 232 -22.56 -26.93 38.41
C TYR A 232 -22.90 -27.02 39.89
N GLN A 233 -24.01 -27.68 40.25
CA GLN A 233 -24.50 -27.84 41.62
C GLN A 233 -24.39 -26.60 42.50
N ASN A 234 -23.16 -26.19 42.79
CA ASN A 234 -22.92 -25.02 43.60
C ASN A 234 -23.78 -23.86 43.10
N PRO A 235 -24.67 -23.31 43.93
CA PRO A 235 -25.52 -22.22 43.44
C PRO A 235 -24.76 -20.94 43.14
N SER A 236 -23.73 -20.61 43.91
CA SER A 236 -23.03 -19.35 43.73
C SER A 236 -21.55 -19.62 43.54
N THR A 237 -21.00 -19.19 42.39
CA THR A 237 -19.67 -19.58 41.94
C THR A 237 -19.00 -18.38 41.30
N TYR A 238 -17.75 -18.58 40.90
CA TYR A 238 -16.92 -17.55 40.30
C TYR A 238 -15.86 -18.21 39.42
N VAL A 239 -15.23 -17.41 38.56
CA VAL A 239 -14.04 -17.83 37.85
C VAL A 239 -12.98 -16.78 38.11
N SER A 240 -11.97 -17.14 38.90
CA SER A 240 -10.86 -16.27 39.23
C SER A 240 -9.61 -16.71 38.50
N VAL A 241 -8.86 -15.74 37.99
CA VAL A 241 -7.63 -16.03 37.27
C VAL A 241 -6.57 -15.01 37.68
N GLY A 242 -5.41 -15.51 38.11
CA GLY A 242 -4.34 -14.64 38.58
C GLY A 242 -3.02 -14.75 37.83
N THR A 243 -2.51 -13.59 37.44
CA THR A 243 -1.21 -13.41 36.80
C THR A 243 -0.42 -12.39 37.63
N SER A 244 0.88 -12.27 37.36
CA SER A 244 1.60 -11.15 37.95
C SER A 244 0.93 -9.83 37.63
N THR A 245 0.51 -9.63 36.37
CA THR A 245 -0.08 -8.39 35.91
C THR A 245 -1.60 -8.41 35.82
N LEU A 246 -2.27 -9.52 36.12
CA LEU A 246 -3.70 -9.59 35.87
C LEU A 246 -4.44 -10.23 37.02
N ASN A 247 -5.45 -9.51 37.53
CA ASN A 247 -6.28 -9.98 38.63
C ASN A 247 -7.75 -9.83 38.24
N GLN A 248 -8.50 -10.94 38.26
CA GLN A 248 -9.87 -10.93 37.76
C GLN A 248 -10.70 -12.04 38.40
N ARG A 249 -11.82 -11.66 39.03
CA ARG A 249 -12.85 -12.58 39.54
C ARG A 249 -14.06 -12.38 38.66
N SER A 250 -14.56 -13.45 38.04
CA SER A 250 -15.71 -13.37 37.13
C SER A 250 -16.88 -14.13 37.71
N ILE A 251 -18.07 -13.54 37.58
CA ILE A 251 -19.28 -14.04 38.24
C ILE A 251 -20.39 -14.30 37.23
N PRO A 252 -21.10 -15.42 37.34
CA PRO A 252 -22.18 -15.71 36.39
C PRO A 252 -23.33 -14.70 36.49
N GLU A 253 -23.53 -13.95 35.40
CA GLU A 253 -24.67 -13.03 35.21
C GLU A 253 -25.83 -13.80 34.59
N ILE A 254 -26.71 -14.37 35.44
CA ILE A 254 -27.90 -15.10 34.96
C ILE A 254 -29.00 -14.12 34.55
N ALA A 255 -29.56 -14.32 33.36
CA ALA A 255 -30.57 -13.38 32.84
C ALA A 255 -31.39 -14.09 31.77
N THR A 256 -32.42 -13.40 31.27
CA THR A 256 -33.40 -14.01 30.38
C THR A 256 -33.30 -13.35 29.01
N ARG A 257 -32.76 -14.09 28.07
CA ARG A 257 -32.29 -13.57 26.79
C ARG A 257 -33.02 -14.28 25.64
N PRO A 258 -33.02 -13.66 24.47
CA PRO A 258 -33.64 -14.35 23.32
C PRO A 258 -32.70 -15.42 22.79
N LYS A 259 -33.30 -16.41 22.11
CA LYS A 259 -32.50 -17.50 21.56
C LYS A 259 -31.65 -16.99 20.39
N VAL A 260 -30.34 -17.14 20.54
CA VAL A 260 -29.36 -16.98 19.46
C VAL A 260 -28.81 -18.36 19.16
N ASN A 261 -28.74 -18.72 17.88
CA ASN A 261 -28.22 -20.03 17.47
C ASN A 261 -28.83 -21.17 18.30
N GLY A 262 -30.07 -20.98 18.78
CA GLY A 262 -30.78 -22.01 19.52
C GLY A 262 -30.80 -21.84 21.03
N LEU A 263 -29.91 -21.02 21.59
CA LEU A 263 -29.81 -20.95 23.04
C LEU A 263 -30.07 -19.54 23.58
N SER A 264 -30.51 -19.50 24.82
CA SER A 264 -30.65 -18.25 25.55
C SER A 264 -29.52 -18.05 26.55
N SER A 265 -28.77 -19.10 26.85
CA SER A 265 -27.56 -18.97 27.65
C SER A 265 -26.50 -18.22 26.86
N ARG A 266 -25.42 -17.83 27.53
CA ARG A 266 -24.33 -17.16 26.85
C ARG A 266 -23.01 -17.67 27.39
N MET A 267 -21.95 -17.46 26.60
CA MET A 267 -20.61 -17.72 27.09
C MET A 267 -19.70 -16.54 26.82
N GLU A 268 -18.99 -16.13 27.85
CA GLU A 268 -18.13 -14.97 27.80
C GLU A 268 -16.70 -15.45 27.88
N PHE A 269 -15.87 -14.97 26.95
CA PHE A 269 -14.47 -15.37 26.88
C PHE A 269 -13.56 -14.20 27.19
N PHE A 270 -12.38 -14.54 27.70
CA PHE A 270 -11.35 -13.62 28.12
C PHE A 270 -10.03 -14.08 27.57
N TRP A 271 -9.10 -13.15 27.47
CA TRP A 271 -7.79 -13.51 26.98
C TRP A 271 -6.75 -12.64 27.66
N THR A 272 -5.53 -13.16 27.71
CA THR A 272 -4.40 -12.46 28.29
C THR A 272 -3.16 -13.07 27.69
N ILE A 273 -2.08 -12.30 27.74
CA ILE A 273 -0.77 -12.75 27.28
C ILE A 273 0.09 -13.03 28.51
N LEU A 274 0.52 -14.27 28.65
CA LEU A 274 1.32 -14.70 29.80
C LEU A 274 2.79 -14.58 29.41
N ARG A 275 3.51 -13.66 30.08
CA ARG A 275 4.87 -13.32 29.70
C ARG A 275 5.84 -14.46 30.05
N PRO A 276 6.99 -14.55 29.39
CA PRO A 276 7.95 -15.60 29.75
C PRO A 276 8.31 -15.51 31.23
N ASN A 277 8.35 -16.67 31.87
CA ASN A 277 8.70 -16.91 33.26
C ASN A 277 7.50 -16.58 34.16
N ASP A 278 6.41 -16.06 33.62
CA ASP A 278 5.24 -15.84 34.46
C ASP A 278 4.37 -17.09 34.51
N SER A 279 3.44 -17.09 35.45
CA SER A 279 2.54 -18.19 35.65
C SER A 279 1.13 -17.64 35.81
N ILE A 280 0.16 -18.49 35.54
CA ILE A 280 -1.24 -18.12 35.61
C ILE A 280 -1.95 -19.19 36.43
N THR A 281 -2.87 -18.78 37.28
CA THR A 281 -3.61 -19.70 38.12
C THR A 281 -5.09 -19.41 37.97
N PHE A 282 -5.87 -20.45 37.73
CA PHE A 282 -7.33 -20.36 37.61
C PHE A 282 -7.95 -21.01 38.83
N GLU A 283 -8.93 -20.33 39.42
CA GLU A 283 -9.72 -20.86 40.51
C GLU A 283 -11.19 -20.63 40.20
N SER A 284 -11.98 -21.69 40.29
CA SER A 284 -13.42 -21.58 40.07
C SER A 284 -14.15 -22.62 40.91
N THR A 285 -15.37 -22.26 41.32
CA THR A 285 -16.30 -23.25 41.86
C THR A 285 -17.35 -23.65 40.84
N GLY A 286 -17.37 -23.03 39.67
CA GLY A 286 -18.33 -23.38 38.65
C GLY A 286 -18.26 -22.46 37.46
N ASN A 287 -18.99 -22.84 36.41
CA ASN A 287 -19.14 -22.07 35.18
C ASN A 287 -17.81 -21.80 34.48
N PHE A 288 -16.80 -22.62 34.72
CA PHE A 288 -15.48 -22.33 34.18
C PHE A 288 -15.36 -22.90 32.78
N ILE A 289 -14.86 -22.12 31.84
CA ILE A 289 -14.55 -22.63 30.50
C ILE A 289 -13.03 -22.56 30.35
N ALA A 290 -12.38 -23.70 30.60
CA ALA A 290 -10.96 -23.92 30.84
C ALA A 290 -10.21 -24.05 29.52
N PRO A 291 -9.08 -23.37 29.41
CA PRO A 291 -8.23 -23.56 28.24
C PRO A 291 -7.70 -25.00 28.20
N GLU A 292 -7.65 -25.57 27.00
CA GLU A 292 -6.82 -26.75 26.78
C GLU A 292 -5.53 -26.39 26.06
N TYR A 293 -5.64 -25.66 24.96
CA TYR A 293 -4.49 -25.27 24.16
C TYR A 293 -4.32 -23.75 24.24
N ALA A 294 -3.05 -23.33 24.21
CA ALA A 294 -2.62 -21.94 24.14
C ALA A 294 -1.79 -21.73 22.87
N TYR A 295 -1.48 -20.47 22.57
CA TYR A 295 -0.84 -20.15 21.30
C TYR A 295 0.49 -19.46 21.57
N LYS A 296 1.60 -20.10 21.16
CA LYS A 296 2.90 -19.44 21.30
C LYS A 296 3.14 -18.49 20.14
N ILE A 297 3.30 -17.23 20.46
CA ILE A 297 3.67 -16.19 19.51
C ILE A 297 5.12 -16.39 19.12
N VAL A 298 5.37 -17.02 17.97
CA VAL A 298 6.75 -17.37 17.63
C VAL A 298 7.39 -16.43 16.62
N LYS A 299 6.61 -15.61 15.94
CA LYS A 299 7.16 -14.67 14.97
C LYS A 299 6.27 -13.44 15.00
N LYS A 300 6.87 -12.29 15.32
CA LYS A 300 6.24 -10.97 15.22
C LYS A 300 6.80 -10.27 13.99
N GLY A 301 6.04 -9.31 13.45
CA GLY A 301 6.49 -8.59 12.27
C GLY A 301 5.36 -7.82 11.59
N ASP A 302 5.52 -7.63 10.27
CA ASP A 302 4.54 -6.89 9.48
C ASP A 302 3.45 -7.85 9.03
N SER A 303 2.25 -7.71 9.60
CA SER A 303 1.13 -8.52 9.16
C SER A 303 -0.12 -7.64 9.14
N ALA A 304 -1.27 -8.25 8.85
CA ALA A 304 -2.51 -7.50 8.69
C ALA A 304 -3.68 -8.47 8.75
N ILE A 305 -4.86 -7.95 9.12
CA ILE A 305 -6.12 -8.67 8.93
C ILE A 305 -6.89 -7.95 7.82
N MET A 306 -6.97 -8.59 6.67
CA MET A 306 -7.59 -8.02 5.49
C MET A 306 -9.02 -8.53 5.41
N LYS A 307 -9.99 -7.61 5.38
CA LYS A 307 -11.36 -8.00 5.12
C LYS A 307 -11.52 -8.14 3.61
N SER A 308 -11.83 -9.33 3.13
CA SER A 308 -12.00 -9.55 1.71
C SER A 308 -12.84 -10.79 1.47
N GLU A 309 -13.52 -10.81 0.33
CA GLU A 309 -14.38 -11.92 0.02
C GLU A 309 -13.72 -12.94 -0.89
N LEU A 310 -12.54 -12.64 -1.40
CA LEU A 310 -11.83 -13.54 -2.29
C LEU A 310 -11.32 -14.79 -1.56
N SER A 311 -11.01 -15.80 -2.36
CA SER A 311 -10.30 -17.00 -1.96
C SER A 311 -8.97 -17.05 -2.70
N TYR A 312 -8.10 -17.95 -2.27
CA TYR A 312 -6.70 -17.97 -2.68
C TYR A 312 -6.55 -18.56 -4.09
N SER A 313 -5.41 -18.23 -4.75
CA SER A 313 -5.07 -18.79 -6.06
C SER A 313 -3.58 -19.07 -6.14
N ASN A 314 -3.16 -19.91 -7.10
CA ASN A 314 -1.72 -20.08 -7.32
C ASN A 314 -1.19 -18.77 -7.92
N CYS A 315 -0.90 -17.81 -7.05
CA CYS A 315 -0.50 -16.47 -7.45
C CYS A 315 0.40 -15.86 -6.38
N ASP A 316 1.39 -15.05 -6.81
CA ASP A 316 2.26 -14.34 -5.89
C ASP A 316 2.45 -12.88 -6.31
N THR A 317 2.48 -11.97 -5.33
CA THR A 317 2.61 -10.55 -5.64
C THR A 317 3.56 -9.90 -4.63
N LYS A 318 3.92 -8.65 -4.94
CA LYS A 318 4.61 -7.79 -4.00
C LYS A 318 3.65 -6.91 -3.20
N CYS A 319 2.41 -6.76 -3.67
CA CYS A 319 1.47 -5.82 -3.06
C CYS A 319 0.07 -6.35 -3.24
N GLN A 320 -0.65 -6.48 -2.14
CA GLN A 320 -1.96 -7.11 -2.13
C GLN A 320 -2.97 -6.13 -1.54
N THR A 321 -4.06 -5.90 -2.26
CA THR A 321 -5.23 -5.16 -1.81
C THR A 321 -6.38 -6.12 -1.62
N PRO A 322 -7.44 -5.69 -0.90
CA PRO A 322 -8.57 -6.61 -0.68
C PRO A 322 -9.28 -7.03 -1.95
N VAL A 323 -9.27 -6.21 -3.00
CA VAL A 323 -9.91 -6.58 -4.26
C VAL A 323 -8.93 -7.17 -5.27
N GLY A 324 -7.67 -7.31 -4.91
CA GLY A 324 -6.71 -7.94 -5.81
C GLY A 324 -5.31 -7.37 -5.61
N ALA A 325 -4.37 -7.94 -6.35
CA ALA A 325 -2.95 -7.65 -6.20
C ALA A 325 -2.53 -6.66 -7.28
N ILE A 326 -1.39 -6.00 -7.04
CA ILE A 326 -0.91 -4.89 -7.85
C ILE A 326 0.51 -5.15 -8.33
N ASN A 327 0.77 -4.84 -9.61
CA ASN A 327 2.11 -4.87 -10.22
C ASN A 327 2.90 -3.63 -9.84
N SER A 328 3.48 -3.67 -8.64
CA SER A 328 4.00 -2.51 -7.89
C SER A 328 5.17 -1.74 -8.54
N SER A 329 5.22 -1.65 -9.88
CA SER A 329 6.33 -0.96 -10.55
C SER A 329 6.21 0.56 -10.50
N MET A 330 4.99 1.10 -10.52
CA MET A 330 4.74 2.54 -10.47
C MET A 330 4.89 3.05 -9.05
N PRO A 331 4.91 4.37 -8.87
CA PRO A 331 5.01 4.93 -7.50
C PRO A 331 3.68 5.23 -6.84
N PHE A 332 2.60 5.31 -7.62
CA PHE A 332 1.28 5.67 -7.12
C PHE A 332 0.22 4.74 -7.70
N HIS A 333 -0.88 4.59 -6.94
CA HIS A 333 -2.02 3.81 -7.40
C HIS A 333 -3.30 4.37 -6.80
N ASN A 334 -4.44 3.95 -7.38
CA ASN A 334 -5.76 4.30 -6.85
C ASN A 334 -6.65 3.09 -6.67
N VAL A 335 -6.08 1.89 -6.60
CA VAL A 335 -6.90 0.68 -6.55
C VAL A 335 -7.69 0.62 -5.25
N HIS A 336 -7.05 0.87 -4.13
CA HIS A 336 -7.64 0.58 -2.83
C HIS A 336 -6.74 1.16 -1.74
N PRO A 337 -7.28 1.82 -0.73
CA PRO A 337 -6.40 2.45 0.27
C PRO A 337 -5.73 1.45 1.20
N PHE A 338 -6.20 0.20 1.30
CA PHE A 338 -5.65 -0.72 2.30
C PHE A 338 -4.78 -1.78 1.66
N ALA A 339 -3.75 -1.35 0.94
CA ALA A 339 -2.78 -2.24 0.33
C ALA A 339 -1.65 -2.52 1.34
N ILE A 340 -1.09 -3.73 1.26
CA ILE A 340 -0.06 -4.20 2.17
C ILE A 340 1.07 -4.84 1.38
N GLY A 341 2.30 -4.72 1.90
CA GLY A 341 3.46 -5.23 1.19
C GLY A 341 4.34 -4.12 0.64
N GLU A 342 5.08 -4.42 -0.45
CA GLU A 342 5.97 -3.44 -1.08
C GLU A 342 5.14 -2.67 -2.12
N CYS A 343 4.39 -1.68 -1.64
CA CYS A 343 3.31 -1.07 -2.42
C CYS A 343 3.67 0.34 -2.86
N PRO A 344 3.13 0.78 -3.99
CA PRO A 344 3.15 2.22 -4.32
C PRO A 344 2.19 2.98 -3.41
N LYS A 345 2.22 4.30 -3.52
CA LYS A 345 1.51 5.13 -2.57
C LYS A 345 0.11 5.49 -3.10
N TYR A 346 -0.88 5.31 -2.24
CA TYR A 346 -2.28 5.46 -2.62
C TYR A 346 -2.67 6.94 -2.72
N VAL A 347 -3.25 7.31 -3.86
CA VAL A 347 -3.73 8.68 -4.08
C VAL A 347 -5.09 8.61 -4.74
N LYS A 348 -6.00 9.52 -4.35
CA LYS A 348 -7.37 9.53 -4.90
C LYS A 348 -7.40 10.40 -6.16
N LEU A 349 -6.92 9.82 -7.26
CA LEU A 349 -6.92 10.46 -8.57
C LEU A 349 -7.22 9.43 -9.65
N LYS A 350 -7.54 9.90 -10.85
CA LYS A 350 -7.72 9.02 -11.98
C LYS A 350 -6.63 9.13 -13.04
N LYS A 351 -5.78 10.15 -12.98
CA LYS A 351 -4.67 10.26 -13.91
C LYS A 351 -3.52 10.89 -13.15
N LEU A 352 -2.29 10.50 -13.48
CA LEU A 352 -1.16 11.24 -12.91
C LEU A 352 0.05 11.07 -13.84
N VAL A 353 0.24 12.03 -14.73
CA VAL A 353 1.28 11.93 -15.76
C VAL A 353 2.29 13.07 -15.62
N LEU A 354 3.56 12.69 -15.48
CA LEU A 354 4.68 13.62 -15.52
C LEU A 354 5.04 13.93 -16.95
N ALA A 355 5.40 15.18 -17.22
CA ALA A 355 5.99 15.49 -18.51
C ALA A 355 7.49 15.33 -18.40
N THR A 356 8.09 14.82 -19.47
CA THR A 356 9.55 14.74 -19.56
C THR A 356 10.12 15.50 -20.74
N GLY A 357 9.36 15.70 -21.82
CA GLY A 357 9.85 16.37 -23.00
C GLY A 357 8.94 17.53 -23.45
N LEU A 358 9.40 18.17 -24.53
CA LEU A 358 8.71 19.25 -25.26
C LEU A 358 7.21 19.08 -25.44
N ARG A 359 6.54 20.18 -25.80
CA ARG A 359 5.24 20.10 -26.43
C ARG A 359 5.39 19.63 -27.87
N ASN A 360 4.30 19.21 -28.48
CA ASN A 360 4.31 18.78 -29.88
C ASN A 360 3.64 19.81 -30.78
N ILE A 361 4.45 20.48 -31.60
CA ILE A 361 4.04 21.31 -32.76
C ILE A 361 2.57 21.72 -32.81
N GLY A 371 2.13 21.71 -40.47
CA GLY A 371 3.39 21.05 -40.22
C GLY A 371 4.16 21.80 -39.16
N ALA A 372 5.42 22.11 -39.44
CA ALA A 372 6.22 22.99 -38.59
C ALA A 372 7.52 23.39 -39.27
N ILE A 373 7.56 24.59 -39.86
CA ILE A 373 8.50 24.93 -40.96
C ILE A 373 9.44 26.07 -40.55
N ALA A 374 10.76 25.79 -40.59
CA ALA A 374 11.85 26.74 -40.77
C ALA A 374 12.19 27.64 -39.59
N GLY A 375 12.22 27.11 -38.37
CA GLY A 375 12.67 27.89 -37.22
C GLY A 375 11.97 27.46 -35.95
N PHE A 376 12.51 27.93 -34.81
CA PHE A 376 11.88 27.56 -33.54
C PHE A 376 10.66 28.42 -33.24
N ILE A 377 10.58 29.62 -33.82
CA ILE A 377 9.45 30.49 -33.52
C ILE A 377 8.13 29.83 -33.90
N GLU A 378 8.16 28.94 -34.89
CA GLU A 378 6.92 28.36 -35.40
C GLU A 378 6.55 27.06 -34.70
N GLY A 379 7.49 26.14 -34.55
CA GLY A 379 7.18 24.86 -33.93
C GLY A 379 8.37 23.91 -34.02
N GLY A 380 8.11 22.65 -33.65
CA GLY A 380 9.17 21.66 -33.59
C GLY A 380 9.38 20.91 -34.89
N TRP A 381 10.54 20.28 -34.99
CA TRP A 381 10.97 19.66 -36.24
C TRP A 381 10.81 18.14 -36.15
N GLN A 382 9.87 17.63 -36.93
CA GLN A 382 9.75 16.18 -37.11
C GLN A 382 11.08 15.58 -37.58
N GLY A 383 11.87 16.35 -38.33
CA GLY A 383 13.08 15.89 -38.98
C GLY A 383 14.29 15.72 -38.08
N MET A 384 14.20 16.15 -36.81
CA MET A 384 15.26 15.91 -35.84
C MET A 384 14.93 14.64 -35.07
N VAL A 385 15.95 13.85 -34.76
CA VAL A 385 15.72 12.49 -34.28
C VAL A 385 16.64 12.10 -33.12
N ASP A 386 17.91 12.53 -33.17
CA ASP A 386 18.91 12.15 -32.17
C ASP A 386 19.16 13.30 -31.19
N GLY A 387 18.10 13.77 -30.55
CA GLY A 387 18.20 14.85 -29.59
C GLY A 387 16.88 15.56 -29.43
N TRP A 388 16.90 16.59 -28.58
CA TRP A 388 15.71 17.40 -28.30
C TRP A 388 15.82 18.81 -28.88
N TYR A 389 17.00 19.41 -28.86
CA TYR A 389 17.25 20.70 -29.50
C TYR A 389 18.45 20.56 -30.43
N GLY A 390 18.43 21.32 -31.52
CA GLY A 390 19.52 21.24 -32.48
C GLY A 390 19.50 22.32 -33.53
N TYR A 391 19.96 21.98 -34.74
CA TYR A 391 20.10 22.98 -35.79
C TYR A 391 19.67 22.37 -37.12
N HIS A 392 19.97 23.07 -38.22
CA HIS A 392 19.62 22.64 -39.59
C HIS A 392 20.58 23.33 -40.56
N HIS A 393 21.41 22.55 -41.26
CA HIS A 393 22.36 23.10 -42.24
C HIS A 393 21.64 23.41 -43.55
N SER A 394 21.50 24.68 -43.88
CA SER A 394 21.21 25.07 -45.27
C SER A 394 22.48 25.69 -45.82
N ASN A 395 23.27 24.89 -46.56
CA ASN A 395 24.61 25.25 -47.00
C ASN A 395 24.73 25.02 -48.50
N GLU A 396 25.85 25.49 -49.05
CA GLU A 396 26.17 25.21 -50.45
C GLU A 396 26.22 23.72 -50.71
N GLN A 397 26.55 22.91 -49.69
CA GLN A 397 26.39 21.46 -49.73
C GLN A 397 25.32 20.95 -48.76
N GLY A 398 25.11 21.65 -47.64
CA GLY A 398 24.34 21.08 -46.57
C GLY A 398 22.88 20.86 -46.92
N SER A 399 22.26 19.96 -46.15
CA SER A 399 20.83 19.71 -46.21
C SER A 399 20.15 20.09 -44.89
N GLY A 400 20.58 19.54 -43.77
CA GLY A 400 20.13 20.03 -42.48
C GLY A 400 20.04 18.92 -41.44
N TYR A 401 19.69 19.35 -40.22
CA TYR A 401 19.20 18.53 -39.10
C TYR A 401 20.30 17.87 -38.28
N ALA A 402 20.93 18.61 -37.37
CA ALA A 402 21.91 18.06 -36.44
C ALA A 402 21.59 18.56 -35.03
N ALA A 403 21.67 17.65 -34.06
CA ALA A 403 21.27 17.93 -32.70
C ALA A 403 22.45 18.42 -31.86
N ASP A 404 22.21 19.46 -31.06
CA ASP A 404 23.16 19.93 -30.05
C ASP A 404 22.99 19.05 -28.82
N LYS A 405 23.68 17.91 -28.79
CA LYS A 405 23.64 17.04 -27.62
C LYS A 405 24.41 17.61 -26.44
N GLU A 406 25.17 18.70 -26.64
CA GLU A 406 25.78 19.42 -25.53
C GLU A 406 24.71 19.89 -24.54
N SER A 407 23.56 20.33 -25.05
CA SER A 407 22.43 20.73 -24.21
C SER A 407 21.29 19.72 -24.22
N THR A 408 21.36 18.66 -25.04
CA THR A 408 20.30 17.65 -25.06
C THR A 408 20.49 16.62 -23.96
N GLN A 409 21.69 16.06 -23.83
CA GLN A 409 21.92 15.20 -22.67
C GLN A 409 21.90 16.00 -21.37
N LYS A 410 22.23 17.30 -21.44
CA LYS A 410 22.10 18.18 -20.27
C LYS A 410 20.64 18.30 -19.80
N ALA A 411 19.68 17.97 -20.68
CA ALA A 411 18.28 17.93 -20.27
C ALA A 411 17.89 16.53 -19.79
N VAL A 412 18.14 15.50 -20.60
CA VAL A 412 17.88 14.13 -20.18
C VAL A 412 18.61 13.79 -18.89
N ASP A 413 19.62 14.59 -18.51
CA ASP A 413 20.26 14.47 -17.20
C ASP A 413 19.36 15.00 -16.09
N GLY A 414 18.93 16.26 -16.19
CA GLY A 414 18.25 16.94 -15.09
C GLY A 414 16.75 16.71 -15.00
N ILE A 415 16.13 16.21 -16.07
CA ILE A 415 14.73 15.78 -16.02
C ILE A 415 14.64 14.36 -15.46
N THR A 416 15.41 13.43 -16.04
CA THR A 416 15.37 12.07 -15.52
C THR A 416 16.07 11.93 -14.17
N ASN A 417 16.75 12.98 -13.67
CA ASN A 417 17.14 13.08 -12.27
C ASN A 417 16.08 13.78 -11.44
N LYS A 418 15.27 14.63 -12.07
CA LYS A 418 14.12 15.24 -11.41
C LYS A 418 12.94 14.28 -11.29
N VAL A 419 12.79 13.32 -12.22
CA VAL A 419 11.67 12.37 -12.11
C VAL A 419 11.91 11.40 -10.97
N ASN A 420 13.14 10.89 -10.83
CA ASN A 420 13.45 10.06 -9.67
C ASN A 420 13.34 10.86 -8.37
N SER A 421 13.91 12.06 -8.34
CA SER A 421 13.90 12.90 -7.14
C SER A 421 12.47 13.25 -6.72
N ILE A 422 11.56 13.36 -7.68
CA ILE A 422 10.17 13.64 -7.34
C ILE A 422 9.53 12.43 -6.66
N ILE A 423 9.65 11.24 -7.27
CA ILE A 423 9.07 10.02 -6.71
C ILE A 423 9.51 9.83 -5.26
N SER A 424 10.82 9.95 -5.01
CA SER A 424 11.37 9.74 -3.67
C SER A 424 10.90 10.79 -2.67
N LYS A 425 10.42 11.95 -3.13
CA LYS A 425 9.92 12.95 -2.17
C LYS A 425 8.71 12.43 -1.39
N MET A 426 8.07 11.34 -1.83
CA MET A 426 6.94 10.75 -1.13
C MET A 426 7.27 9.43 -0.46
N ASN A 427 8.58 9.10 -0.34
CA ASN A 427 8.99 7.86 0.33
C ASN A 427 8.25 7.67 1.65
N SER A 428 8.09 8.75 2.41
CA SER A 428 7.49 8.72 3.74
C SER A 428 6.01 9.08 3.72
N GLN A 429 5.36 8.96 2.57
CA GLN A 429 3.93 9.25 2.46
C GLN A 429 3.10 8.32 3.35
N PHE A 430 1.98 8.85 3.83
CA PHE A 430 1.08 8.09 4.69
C PHE A 430 0.61 6.80 4.02
N GLU A 431 0.59 5.72 4.79
CA GLU A 431 0.00 4.46 4.39
C GLU A 431 -1.01 4.08 5.46
N ALA A 432 -2.24 3.76 5.05
CA ALA A 432 -3.32 3.41 5.96
C ALA A 432 -3.16 1.99 6.46
N VAL A 433 -3.82 1.70 7.57
CA VAL A 433 -3.64 0.47 8.32
C VAL A 433 -5.01 0.06 8.84
N GLY A 434 -5.34 -1.22 8.73
CA GLY A 434 -6.64 -1.67 9.17
C GLY A 434 -6.74 -1.76 10.68
N LYS A 435 -7.88 -1.32 11.22
CA LYS A 435 -8.28 -1.60 12.60
C LYS A 435 -9.80 -1.68 12.64
N GLU A 436 -10.31 -2.35 13.70
CA GLU A 436 -11.73 -2.56 13.93
C GLU A 436 -12.16 -1.96 15.28
N PHE A 437 -13.47 -1.71 15.43
CA PHE A 437 -13.99 -1.10 16.65
C PHE A 437 -15.38 -1.65 16.95
N ASN A 438 -15.68 -1.77 18.25
CA ASN A 438 -16.93 -2.37 18.69
C ASN A 438 -18.04 -1.32 18.63
N ASN A 439 -19.27 -1.73 18.88
CA ASN A 439 -20.39 -0.82 18.65
C ASN A 439 -20.43 0.34 19.64
N LEU A 440 -19.60 0.30 20.69
CA LEU A 440 -19.51 1.40 21.64
C LEU A 440 -18.21 2.18 21.49
N GLU A 441 -17.52 1.98 20.37
CA GLU A 441 -16.30 2.70 20.09
C GLU A 441 -16.48 3.56 18.84
N ARG A 442 -17.66 4.14 18.64
CA ARG A 442 -17.89 4.85 17.38
C ARG A 442 -17.01 6.09 17.27
N ARG A 443 -16.82 6.83 18.38
CA ARG A 443 -16.04 8.07 18.29
C ARG A 443 -14.60 7.78 17.84
N ILE A 444 -13.96 6.75 18.40
CA ILE A 444 -12.58 6.57 17.96
C ILE A 444 -12.54 5.91 16.59
N GLU A 445 -13.57 5.12 16.24
CA GLU A 445 -13.68 4.67 14.86
C GLU A 445 -13.65 5.87 13.91
N ASN A 446 -14.44 6.89 14.21
CA ASN A 446 -14.57 8.02 13.30
C ASN A 446 -13.33 8.91 13.34
N LEU A 447 -12.76 9.12 14.53
CA LEU A 447 -11.42 9.70 14.64
C LEU A 447 -10.44 9.00 13.71
N ASN A 448 -10.41 7.67 13.78
CA ASN A 448 -9.47 6.92 12.95
C ASN A 448 -9.81 7.05 11.46
N LYS A 449 -11.11 7.06 11.12
CA LYS A 449 -11.47 7.23 9.73
C LYS A 449 -11.09 8.63 9.25
N LYS A 450 -11.33 9.65 10.08
CA LYS A 450 -11.02 11.00 9.65
C LYS A 450 -9.53 11.20 9.53
N MET A 451 -8.77 10.54 10.40
CA MET A 451 -7.33 10.71 10.35
C MET A 451 -6.75 10.10 9.10
N GLU A 452 -7.29 8.94 8.69
CA GLU A 452 -6.74 8.27 7.53
C GLU A 452 -7.18 8.95 6.25
N ASP A 453 -8.47 9.29 6.15
CA ASP A 453 -8.93 10.08 5.01
C ASP A 453 -8.22 11.44 4.98
N GLY A 454 -7.96 12.02 6.15
CA GLY A 454 -7.21 13.26 6.20
C GLY A 454 -5.85 13.17 5.55
N PHE A 455 -5.08 12.13 5.89
CA PHE A 455 -3.74 12.06 5.32
C PHE A 455 -3.80 11.70 3.83
N ILE A 456 -4.71 10.80 3.46
CA ILE A 456 -4.87 10.47 2.04
C ILE A 456 -5.17 11.73 1.21
N ASP A 457 -6.06 12.60 1.71
CA ASP A 457 -6.34 13.84 0.99
C ASP A 457 -5.11 14.73 0.92
N VAL A 458 -4.44 14.92 2.04
CA VAL A 458 -3.22 15.71 2.06
C VAL A 458 -2.21 15.18 1.05
N TRP A 459 -1.96 13.86 1.08
CA TRP A 459 -0.94 13.35 0.19
C TRP A 459 -1.41 13.33 -1.26
N THR A 460 -2.73 13.18 -1.49
CA THR A 460 -3.25 13.33 -2.84
C THR A 460 -3.02 14.75 -3.35
N TYR A 461 -3.34 15.74 -2.51
CA TYR A 461 -3.05 17.13 -2.86
C TYR A 461 -1.55 17.32 -3.15
N ASN A 462 -0.71 16.81 -2.27
CA ASN A 462 0.73 16.92 -2.47
C ASN A 462 1.15 16.32 -3.81
N ALA A 463 0.66 15.13 -4.15
CA ALA A 463 1.12 14.47 -5.37
C ALA A 463 0.69 15.25 -6.60
N GLU A 464 -0.61 15.55 -6.70
CA GLU A 464 -1.08 16.29 -7.86
C GLU A 464 -0.32 17.61 -8.03
N LEU A 465 -0.10 18.34 -6.94
CA LEU A 465 0.53 19.65 -7.06
C LEU A 465 1.97 19.52 -7.52
N LEU A 466 2.70 18.56 -6.98
CA LEU A 466 4.06 18.36 -7.44
C LEU A 466 4.11 18.06 -8.94
N VAL A 467 3.22 17.19 -9.41
CA VAL A 467 3.25 16.82 -10.81
C VAL A 467 2.87 18.02 -11.67
N LEU A 468 1.79 18.72 -11.31
CA LEU A 468 1.40 19.90 -12.08
C LEU A 468 2.43 21.00 -11.99
N MET A 469 3.04 21.18 -10.82
CA MET A 469 3.95 22.30 -10.67
C MET A 469 5.23 22.03 -11.43
N GLU A 470 5.75 20.81 -11.33
CA GLU A 470 6.98 20.56 -12.04
C GLU A 470 6.74 20.30 -13.53
N ASN A 471 5.52 19.88 -13.93
CA ASN A 471 5.23 19.84 -15.36
C ASN A 471 5.32 21.24 -15.98
N GLU A 472 4.85 22.26 -15.25
CA GLU A 472 4.99 23.62 -15.77
C GLU A 472 6.45 24.02 -15.84
N ARG A 473 7.25 23.55 -14.88
CA ARG A 473 8.67 23.88 -14.88
C ARG A 473 9.42 23.11 -15.96
N THR A 474 9.01 21.87 -16.24
CA THR A 474 9.69 21.06 -17.24
C THR A 474 9.48 21.64 -18.63
N LEU A 475 8.22 21.88 -19.02
CA LEU A 475 7.96 22.47 -20.33
C LEU A 475 8.66 23.82 -20.48
N ASP A 476 8.65 24.64 -19.43
CA ASP A 476 9.21 25.98 -19.57
C ASP A 476 10.73 25.92 -19.67
N LEU A 477 11.34 24.90 -19.07
CA LEU A 477 12.76 24.64 -19.28
C LEU A 477 13.06 24.40 -20.75
N HIS A 478 12.29 23.53 -21.39
CA HIS A 478 12.44 23.27 -22.82
C HIS A 478 12.43 24.57 -23.63
N ASP A 479 11.41 25.40 -23.43
CA ASP A 479 11.38 26.72 -24.05
C ASP A 479 12.67 27.47 -23.77
N SER A 480 13.15 27.39 -22.53
CA SER A 480 14.35 28.12 -22.13
C SER A 480 15.57 27.62 -22.90
N ASN A 481 15.70 26.30 -23.01
CA ASN A 481 16.84 25.73 -23.69
C ASN A 481 16.85 26.12 -25.16
N VAL A 482 15.69 26.04 -25.81
CA VAL A 482 15.61 26.45 -27.21
C VAL A 482 15.95 27.92 -27.35
N LYS A 483 15.41 28.77 -26.47
CA LYS A 483 15.76 30.18 -26.51
C LYS A 483 17.25 30.39 -26.22
N ASN A 484 17.86 29.53 -25.39
CA ASN A 484 19.26 29.69 -25.02
C ASN A 484 20.20 29.16 -26.10
N LEU A 485 19.84 28.03 -26.72
CA LEU A 485 20.58 27.58 -27.89
C LEU A 485 20.68 28.70 -28.91
N TYR A 486 19.56 29.37 -29.19
CA TYR A 486 19.53 30.51 -30.11
C TYR A 486 20.61 31.52 -29.77
N ASP A 487 20.68 31.92 -28.49
CA ASP A 487 21.58 33.00 -28.11
C ASP A 487 23.04 32.57 -28.25
N LYS A 488 23.37 31.36 -27.81
CA LYS A 488 24.71 30.83 -28.04
C LYS A 488 25.14 31.03 -29.49
N VAL A 489 24.22 30.82 -30.43
CA VAL A 489 24.58 30.98 -31.84
C VAL A 489 24.77 32.43 -32.20
N ARG A 490 23.83 33.29 -31.79
CA ARG A 490 23.88 34.69 -32.22
C ARG A 490 24.96 35.46 -31.47
N ARG A 491 25.28 35.03 -30.24
CA ARG A 491 26.43 35.61 -29.54
C ARG A 491 27.73 35.36 -30.28
N GLN A 492 27.76 34.35 -31.17
CA GLN A 492 28.94 34.04 -31.98
C GLN A 492 28.92 34.82 -33.29
N LEU A 493 28.06 34.39 -34.22
CA LEU A 493 27.92 35.10 -35.48
C LEU A 493 27.24 36.43 -35.21
N ARG A 494 28.00 37.50 -35.02
CA ARG A 494 27.40 38.75 -34.58
C ARG A 494 27.09 39.67 -35.75
N ASP A 495 28.12 40.22 -36.38
CA ASP A 495 27.91 41.05 -37.56
C ASP A 495 27.79 40.23 -38.83
N ASN A 496 28.40 39.05 -38.87
CA ASN A 496 28.44 38.20 -40.05
C ASN A 496 27.10 37.61 -40.42
N ALA A 497 25.98 37.98 -39.79
CA ALA A 497 24.73 37.29 -40.04
C ALA A 497 23.55 38.16 -39.61
N LYS A 498 22.43 37.98 -40.32
CA LYS A 498 21.21 38.76 -40.12
C LYS A 498 20.13 37.86 -39.54
N GLU A 499 19.67 38.19 -38.32
CA GLU A 499 18.57 37.42 -37.73
C GLU A 499 17.27 37.71 -38.47
N LEU A 500 16.60 36.64 -38.92
CA LEU A 500 15.39 36.78 -39.72
C LEU A 500 14.12 36.81 -38.89
N GLY A 501 14.21 36.59 -37.58
CA GLY A 501 13.07 36.73 -36.70
C GLY A 501 12.08 35.58 -36.75
N ASN A 502 12.33 34.58 -37.57
CA ASN A 502 11.58 33.33 -37.51
C ASN A 502 12.34 32.26 -36.73
N GLY A 503 13.56 32.57 -36.28
CA GLY A 503 14.40 31.61 -35.58
C GLY A 503 15.65 31.21 -36.31
N CYS A 504 15.94 31.81 -37.47
CA CYS A 504 17.10 31.49 -38.30
C CYS A 504 17.97 32.71 -38.52
N PHE A 505 19.21 32.45 -38.95
CA PHE A 505 20.17 33.47 -39.38
C PHE A 505 20.56 33.25 -40.84
N GLU A 506 20.76 34.34 -41.57
CA GLU A 506 21.32 34.28 -42.92
C GLU A 506 22.73 34.87 -42.89
N PHE A 507 23.64 34.22 -43.60
CA PHE A 507 25.06 34.54 -43.55
C PHE A 507 25.43 35.64 -44.54
N TYR A 508 26.16 36.64 -44.06
CA TYR A 508 26.80 37.63 -44.91
C TYR A 508 28.13 37.15 -45.48
N HIS A 509 28.56 35.94 -45.14
CA HIS A 509 29.76 35.35 -45.71
C HIS A 509 29.48 33.90 -46.09
N ARG A 510 30.48 33.26 -46.67
CA ARG A 510 30.47 31.82 -46.85
C ARG A 510 30.93 31.14 -45.56
N CYS A 511 30.24 30.08 -45.16
CA CYS A 511 30.65 29.30 -44.00
C CYS A 511 31.42 28.04 -44.40
N ASP A 512 30.82 27.20 -45.25
CA ASP A 512 31.32 25.86 -45.59
C ASP A 512 30.97 24.92 -44.45
N ASN A 513 31.05 23.60 -44.68
CA ASN A 513 30.53 22.65 -43.70
C ASN A 513 31.38 22.60 -42.44
N LYS A 514 32.71 22.73 -42.57
CA LYS A 514 33.57 22.68 -41.39
C LYS A 514 33.42 23.92 -40.50
N CYS A 515 32.79 25.00 -41.00
CA CYS A 515 32.43 26.14 -40.16
C CYS A 515 31.07 25.98 -39.49
N MET A 516 30.15 25.24 -40.12
CA MET A 516 28.85 25.03 -39.49
C MET A 516 28.95 24.17 -38.25
N GLU A 517 30.11 23.56 -37.99
CA GLU A 517 30.37 23.02 -36.67
C GLU A 517 31.05 24.04 -35.75
N SER A 518 31.64 25.10 -36.32
CA SER A 518 32.19 26.15 -35.47
C SER A 518 31.11 26.78 -34.59
N VAL A 519 29.92 27.01 -35.17
CA VAL A 519 28.81 27.51 -34.37
C VAL A 519 28.28 26.41 -33.46
N ARG A 520 28.41 25.15 -33.88
CA ARG A 520 27.90 24.03 -33.08
C ARG A 520 28.78 23.80 -31.84
N ASN A 521 30.09 24.01 -31.98
CA ASN A 521 31.08 23.79 -30.93
C ASN A 521 31.46 25.07 -30.18
N GLY A 522 30.59 26.08 -30.16
CA GLY A 522 30.88 27.34 -29.51
C GLY A 522 32.24 27.93 -29.85
N THR A 523 32.74 27.60 -31.04
CA THR A 523 34.12 27.90 -31.43
C THR A 523 34.23 28.74 -32.69
N TYR A 524 33.11 29.23 -33.24
CA TYR A 524 33.19 30.16 -34.36
C TYR A 524 33.89 31.44 -33.93
N ASP A 525 34.91 31.85 -34.68
CA ASP A 525 35.55 33.13 -34.47
C ASP A 525 35.08 34.11 -35.55
N TYR A 526 34.44 35.19 -35.10
CA TYR A 526 34.15 36.33 -35.97
C TYR A 526 35.30 36.76 -36.85
N PRO A 527 36.54 36.97 -36.37
CA PRO A 527 37.61 37.47 -37.24
C PRO A 527 37.90 36.58 -38.43
N GLN A 528 37.70 35.27 -38.31
CA GLN A 528 37.92 34.35 -39.42
C GLN A 528 37.23 34.81 -40.69
N TYR A 529 36.02 35.34 -40.55
CA TYR A 529 35.27 35.81 -41.71
C TYR A 529 34.86 37.27 -41.56
N SER A 530 35.46 37.99 -40.62
CA SER A 530 35.12 39.39 -40.33
C SER A 530 35.17 40.25 -41.57
N GLU A 531 36.39 40.52 -42.07
CA GLU A 531 36.56 41.41 -43.21
C GLU A 531 35.80 40.92 -44.44
N GLU A 532 35.59 39.60 -44.56
CA GLU A 532 34.77 39.06 -45.64
C GLU A 532 33.37 39.68 -45.60
N SER A 533 32.62 39.41 -44.52
CA SER A 533 31.24 39.89 -44.40
C SER A 533 31.18 41.41 -44.32
N ARG A 534 32.13 42.02 -43.58
CA ARG A 534 32.22 43.47 -43.44
C ARG A 534 32.07 44.14 -44.80
N LEU A 535 32.57 43.49 -45.85
CA LEU A 535 32.36 44.01 -47.19
C LEU A 535 30.91 43.80 -47.65
N LYS A 536 30.39 42.59 -47.52
CA LYS A 536 29.28 42.17 -48.39
C LYS A 536 27.90 42.46 -47.83
N ARG A 537 27.75 43.31 -46.84
CA ARG A 537 26.44 43.86 -46.59
C ARG A 537 26.41 45.38 -46.57
N GLU A 538 27.55 46.05 -46.80
CA GLU A 538 27.47 47.36 -47.42
C GLU A 538 27.10 47.22 -48.89
N GLU A 539 27.34 46.02 -49.44
CA GLU A 539 26.82 45.66 -50.77
C GLU A 539 25.30 45.54 -50.76
N ILE A 540 24.70 45.17 -49.61
CA ILE A 540 23.25 45.28 -49.49
C ILE A 540 22.84 46.73 -49.34
N ASP A 541 23.54 47.45 -48.45
CA ASP A 541 23.28 48.87 -48.19
C ASP A 541 23.14 49.67 -49.47
N SER A 542 23.91 49.33 -50.51
CA SER A 542 23.79 49.98 -51.82
C SER A 542 23.62 48.94 -52.92
N GLY A 543 22.90 47.86 -52.65
CA GLY A 543 22.60 46.89 -53.68
C GLY A 543 21.49 47.36 -54.59
N LEU A 544 20.46 46.53 -54.75
CA LEU A 544 19.30 46.92 -55.53
C LEU A 544 18.48 47.97 -54.78
C1 NAG B . -18.67 -20.29 2.83
C2 NAG B . -18.48 -21.75 2.39
C3 NAG B . -19.10 -22.00 1.02
C4 NAG B . -20.58 -21.61 1.04
C5 NAG B . -20.69 -20.14 1.45
C6 NAG B . -22.13 -19.67 1.56
C7 NAG B . -16.50 -22.71 3.46
C8 NAG B . -15.05 -23.06 3.32
N2 NAG B . -17.08 -22.13 2.41
O3 NAG B . -18.96 -23.38 0.69
O4 NAG B . -21.18 -21.82 -0.22
O5 NAG B . -20.08 -19.94 2.74
O6 NAG B . -22.30 -18.43 0.88
O7 NAG B . -17.12 -22.96 4.50
#